data_2FMJ
#
_entry.id   2FMJ
#
_cell.length_a   58.319
_cell.length_b   58.319
_cell.length_c   100.337
_cell.angle_alpha   90.00
_cell.angle_beta   90.00
_cell.angle_gamma   120.00
#
_symmetry.space_group_name_H-M   'P 65'
#
loop_
_entity.id
_entity.type
_entity.pdbx_description
1 polymer Trypsin
2 non-polymer 'CALCIUM ION'
3 non-polymer 'SULFATE ION'
4 water water
#
_entity_poly.entity_id   1
_entity_poly.type   'polypeptide(L)'
_entity_poly.pdbx_seq_one_letter_code
;VVGGTRAAQGEFPFMVRLSMGCGGALYAQDIVLTAAHCVSGSGNNTSITATGGVVDLQSSSAVKVRSTKVLQAPGYNGTG
KDWALIKLAQPINQPTLKIATTTAYNQGTFTVAGWGANREGGSQQRYLLKANVPFVSDAACRSAYGNELVANEEICAGYD
TGGVDTCQGDSGGPMFRKDNADEWIQVGIVSWGEGCARKGKYGVYTEVSTFASAIASAARTL
;
_entity_poly.pdbx_strand_id   A
#
loop_
_chem_comp.id
_chem_comp.type
_chem_comp.name
_chem_comp.formula
CA non-polymer 'CALCIUM ION' 'Ca 2'
SO4 non-polymer 'SULFATE ION' 'O4 S -2'
#
# COMPACT_ATOMS: atom_id res chain seq x y z
N VAL A 1 6.50 -9.39 -0.79
CA VAL A 1 6.06 -9.67 -2.20
C VAL A 1 6.60 -11.05 -2.63
N VAL A 2 5.69 -11.88 -3.14
CA VAL A 2 6.01 -13.23 -3.61
C VAL A 2 5.98 -13.24 -5.14
N GLY A 3 6.97 -13.90 -5.78
CA GLY A 3 6.96 -13.99 -7.24
C GLY A 3 7.38 -12.71 -7.93
N GLY A 4 8.20 -11.90 -7.25
CA GLY A 4 8.65 -10.64 -7.83
C GLY A 4 10.15 -10.64 -8.03
N THR A 5 10.68 -9.43 -8.26
CA THR A 5 12.10 -9.19 -8.46
C THR A 5 12.51 -7.97 -7.63
N ARG A 6 13.81 -7.70 -7.53
CA ARG A 6 14.25 -6.55 -6.76
C ARG A 6 13.97 -5.24 -7.50
N ALA A 7 13.43 -4.26 -6.78
CA ALA A 7 13.21 -2.93 -7.38
C ALA A 7 14.57 -2.23 -7.37
N ALA A 8 14.86 -1.44 -8.40
CA ALA A 8 16.12 -0.75 -8.41
C ALA A 8 16.04 0.52 -7.55
N GLN A 9 17.18 0.93 -7.04
CA GLN A 9 17.23 2.19 -6.31
C GLN A 9 16.72 3.33 -7.20
N GLY A 10 15.80 4.11 -6.66
CA GLY A 10 15.19 5.21 -7.38
C GLY A 10 14.02 4.86 -8.27
N GLU A 11 13.72 3.58 -8.42
CA GLU A 11 12.62 3.21 -9.31
C GLU A 11 11.24 3.66 -8.81
N PHE A 12 10.97 3.46 -7.52
CA PHE A 12 9.67 3.84 -6.92
C PHE A 12 10.11 4.64 -5.70
N PRO A 13 10.52 5.90 -5.93
CA PRO A 13 11.00 6.72 -4.82
C PRO A 13 10.02 7.13 -3.77
N PHE A 14 8.73 6.97 -4.10
CA PHE A 14 7.65 7.29 -3.17
C PHE A 14 7.42 6.22 -2.12
N MET A 15 8.10 5.09 -2.23
CA MET A 15 7.87 4.03 -1.27
C MET A 15 8.48 4.30 0.08
N VAL A 16 7.76 3.95 1.14
CA VAL A 16 8.37 4.10 2.46
C VAL A 16 8.11 2.87 3.30
N ARG A 17 9.03 2.58 4.20
CA ARG A 17 8.87 1.43 5.11
C ARG A 17 8.50 2.04 6.46
N LEU A 18 7.43 1.48 7.05
CA LEU A 18 6.93 1.94 8.34
C LEU A 18 7.41 0.95 9.40
N SER A 19 7.74 1.52 10.55
CA SER A 19 8.32 0.73 11.63
C SER A 19 7.55 -0.45 12.26
N MET A 20 6.23 -0.54 12.03
CA MET A 20 5.47 -1.64 12.59
C MET A 20 5.37 -2.78 11.59
N GLY A 21 6.16 -2.72 10.54
CA GLY A 21 6.13 -3.81 9.58
C GLY A 21 5.10 -3.61 8.49
N CYS A 22 4.97 -2.38 8.02
CA CYS A 22 4.04 -2.06 6.92
C CYS A 22 4.79 -1.20 5.90
N GLY A 23 4.17 -1.05 4.71
CA GLY A 23 4.71 -0.17 3.70
C GLY A 23 3.79 1.05 3.68
N GLY A 24 4.16 2.04 2.88
CA GLY A 24 3.32 3.23 2.72
C GLY A 24 3.82 3.96 1.51
N ALA A 25 3.12 5.02 1.11
CA ALA A 25 3.53 5.83 -0.05
C ALA A 25 3.57 7.28 0.38
N LEU A 26 4.48 8.04 -0.20
CA LEU A 26 4.57 9.48 0.11
C LEU A 26 3.44 10.16 -0.68
N TYR A 27 2.32 10.44 0.00
CA TYR A 27 1.19 11.17 -0.57
C TYR A 27 1.65 12.65 -0.69
N ALA A 28 2.39 13.10 0.31
CA ALA A 28 3.04 14.41 0.29
C ALA A 28 4.42 14.09 0.87
N GLN A 29 5.38 14.99 0.74
CA GLN A 29 6.70 14.64 1.30
C GLN A 29 6.67 14.37 2.80
N ASP A 30 5.72 14.96 3.52
CA ASP A 30 5.62 14.70 4.93
C ASP A 30 4.29 14.07 5.30
N ILE A 31 3.62 13.41 4.35
CA ILE A 31 2.38 12.72 4.65
C ILE A 31 2.41 11.35 3.98
N VAL A 32 2.38 10.31 4.80
CA VAL A 32 2.41 8.95 4.26
C VAL A 32 1.02 8.38 4.21
N LEU A 33 0.64 7.80 3.08
CA LEU A 33 -0.63 7.15 2.95
C LEU A 33 -0.34 5.65 3.17
N THR A 34 -1.04 5.03 4.12
CA THR A 34 -0.85 3.61 4.42
C THR A 34 -2.24 3.01 4.75
N ALA A 35 -2.27 1.81 5.34
CA ALA A 35 -3.50 1.14 5.71
C ALA A 35 -3.89 1.55 7.13
N ALA A 36 -5.18 1.69 7.35
CA ALA A 36 -5.71 1.99 8.66
C ALA A 36 -5.32 0.86 9.60
N HIS A 37 -5.29 -0.35 9.06
CA HIS A 37 -5.02 -1.51 9.93
C HIS A 37 -3.56 -1.57 10.39
N CYS A 38 -2.69 -0.74 9.82
CA CYS A 38 -1.30 -0.73 10.33
C CYS A 38 -1.17 0.15 11.59
N VAL A 39 -2.21 0.89 11.97
CA VAL A 39 -2.12 1.79 13.13
C VAL A 39 -3.29 1.67 14.12
N SER A 40 -3.18 2.35 15.27
CA SER A 40 -4.22 2.25 16.31
C SER A 40 -5.41 3.15 16.09
N GLY A 41 -5.13 4.36 15.63
CA GLY A 41 -6.19 5.31 15.42
C GLY A 41 -5.60 6.68 15.34
N SER A 42 -6.48 7.70 15.27
CA SER A 42 -6.06 9.10 15.14
C SER A 42 -5.68 9.70 16.47
N GLY A 43 -4.61 10.49 16.43
CA GLY A 43 -4.12 11.17 17.62
C GLY A 43 -2.69 11.56 17.36
N ASN A 44 -2.17 12.52 18.14
CA ASN A 44 -0.78 12.93 18.01
C ASN A 44 0.04 11.71 18.41
N ASN A 45 0.91 11.23 17.52
CA ASN A 45 1.70 10.06 17.82
C ASN A 45 3.10 10.18 17.25
N THR A 46 4.08 9.86 18.09
CA THR A 46 5.46 9.96 17.69
C THR A 46 6.21 8.64 17.86
N SER A 47 5.51 7.51 17.91
CA SER A 47 6.22 6.22 18.09
C SER A 47 6.49 5.46 16.78
N ILE A 48 6.09 6.05 15.67
CA ILE A 48 6.26 5.42 14.36
C ILE A 48 7.37 6.10 13.58
N THR A 49 8.13 5.31 12.83
CA THR A 49 9.20 5.87 12.02
C THR A 49 8.97 5.42 10.59
N ALA A 50 9.20 6.32 9.65
CA ALA A 50 9.08 6.03 8.22
C ALA A 50 10.49 6.09 7.65
N THR A 51 10.89 5.09 6.88
CA THR A 51 12.23 5.11 6.29
C THR A 51 12.03 5.26 4.79
N GLY A 52 12.59 6.33 4.25
CA GLY A 52 12.47 6.62 2.81
C GLY A 52 13.81 6.78 2.10
N GLY A 53 13.76 6.92 0.77
CA GLY A 53 14.98 7.16 0.01
C GLY A 53 15.81 5.97 -0.43
N VAL A 54 15.44 4.78 0.01
CA VAL A 54 16.25 3.62 -0.34
C VAL A 54 15.51 2.30 -0.55
N VAL A 55 16.06 1.44 -1.39
CA VAL A 55 15.46 0.13 -1.56
C VAL A 55 16.12 -0.80 -0.52
N ASP A 56 17.37 -0.52 -0.14
CA ASP A 56 18.11 -1.34 0.83
C ASP A 56 17.93 -0.69 2.20
N LEU A 57 17.17 -1.35 3.07
CA LEU A 57 16.90 -0.75 4.38
C LEU A 57 18.17 -0.55 5.20
N GLN A 58 19.25 -1.27 4.86
CA GLN A 58 20.50 -1.08 5.59
C GLN A 58 21.37 0.07 5.07
N SER A 59 20.96 0.68 3.96
CA SER A 59 21.78 1.73 3.34
C SER A 59 21.99 2.97 4.21
N SER A 60 23.23 3.50 4.18
CA SER A 60 23.55 4.72 4.93
C SER A 60 22.77 5.91 4.39
N SER A 61 22.19 5.80 3.17
CA SER A 61 21.41 6.90 2.64
C SER A 61 19.95 6.87 3.09
N ALA A 62 19.58 5.88 3.90
CA ALA A 62 18.22 5.80 4.39
C ALA A 62 17.88 7.05 5.19
N VAL A 63 16.67 7.56 4.99
CA VAL A 63 16.21 8.71 5.76
C VAL A 63 15.09 8.24 6.68
N LYS A 64 15.32 8.36 7.99
CA LYS A 64 14.36 7.88 8.98
C LYS A 64 13.75 9.07 9.65
N VAL A 65 12.43 9.19 9.54
CA VAL A 65 11.73 10.34 10.09
C VAL A 65 10.61 9.90 11.01
N ARG A 66 10.42 10.62 12.12
CA ARG A 66 9.37 10.26 13.09
C ARG A 66 8.03 10.88 12.76
N SER A 67 6.96 10.19 13.13
CA SER A 67 5.59 10.66 12.93
C SER A 67 5.27 11.69 13.97
N THR A 68 4.28 12.53 13.67
CA THR A 68 3.80 13.52 14.64
C THR A 68 2.32 13.28 14.91
N LYS A 69 1.60 12.71 13.94
CA LYS A 69 0.20 12.41 14.14
C LYS A 69 -0.25 11.35 13.18
N VAL A 70 -1.29 10.64 13.58
CA VAL A 70 -1.85 9.58 12.79
C VAL A 70 -3.33 9.87 12.60
N LEU A 71 -3.78 9.75 11.36
CA LEU A 71 -5.18 9.97 11.08
C LEU A 71 -5.67 8.73 10.37
N GLN A 72 -6.45 7.94 11.10
CA GLN A 72 -7.00 6.75 10.55
C GLN A 72 -8.33 7.14 9.88
N ALA A 73 -8.67 6.46 8.78
CA ALA A 73 -9.93 6.79 8.07
C ALA A 73 -11.13 6.97 9.01
N PRO A 74 -11.85 8.09 8.87
CA PRO A 74 -13.00 8.25 9.77
C PRO A 74 -13.97 7.09 9.55
N GLY A 75 -14.46 6.50 10.64
CA GLY A 75 -15.38 5.39 10.51
C GLY A 75 -14.71 4.02 10.44
N TYR A 76 -13.39 4.00 10.33
CA TYR A 76 -12.72 2.70 10.26
C TYR A 76 -12.86 1.93 11.56
N ASN A 77 -13.29 0.68 11.45
CA ASN A 77 -13.36 -0.18 12.63
C ASN A 77 -13.08 -1.62 12.26
N GLY A 78 -12.32 -1.83 11.16
CA GLY A 78 -11.94 -3.18 10.75
C GLY A 78 -12.68 -3.84 9.59
N THR A 79 -13.67 -3.15 9.01
CA THR A 79 -14.38 -3.71 7.89
C THR A 79 -14.43 -2.67 6.77
N GLY A 80 -13.46 -2.70 5.88
CA GLY A 80 -13.43 -1.70 4.84
C GLY A 80 -12.80 -0.41 5.33
N LYS A 81 -12.78 0.62 4.48
CA LYS A 81 -12.17 1.92 4.83
C LYS A 81 -10.73 1.75 5.31
N ASP A 82 -9.95 0.87 4.66
CA ASP A 82 -8.61 0.62 5.18
C ASP A 82 -7.56 1.59 4.66
N TRP A 83 -7.61 2.82 5.17
CA TRP A 83 -6.60 3.78 4.81
C TRP A 83 -6.31 4.66 6.00
N ALA A 84 -5.09 5.21 6.04
CA ALA A 84 -4.72 6.13 7.07
C ALA A 84 -3.60 7.00 6.61
N LEU A 85 -3.49 8.17 7.24
CA LEU A 85 -2.40 9.09 6.94
C LEU A 85 -1.50 9.26 8.15
N ILE A 86 -0.20 9.38 7.90
CA ILE A 86 0.77 9.60 8.97
C ILE A 86 1.50 10.89 8.63
N LYS A 87 1.38 11.89 9.50
CA LYS A 87 2.08 13.14 9.30
C LYS A 87 3.50 12.96 9.87
N LEU A 88 4.50 13.35 9.08
CA LEU A 88 5.90 13.19 9.46
C LEU A 88 6.45 14.47 10.01
N ALA A 89 7.39 14.37 10.94
CA ALA A 89 7.95 15.59 11.53
C ALA A 89 8.83 16.34 10.57
N GLN A 90 9.35 15.60 9.59
CA GLN A 90 10.21 16.17 8.58
C GLN A 90 9.82 15.50 7.30
N PRO A 91 9.98 16.18 6.18
CA PRO A 91 9.63 15.58 4.90
C PRO A 91 10.74 14.66 4.44
N ILE A 92 10.35 13.72 3.61
CA ILE A 92 11.26 12.84 2.93
C ILE A 92 11.34 13.47 1.54
N ASN A 93 12.55 13.83 1.12
CA ASN A 93 12.73 14.55 -0.14
C ASN A 93 12.74 13.66 -1.36
N GLN A 94 11.55 13.19 -1.71
CA GLN A 94 11.40 12.30 -2.88
C GLN A 94 10.10 12.58 -3.57
N PRO A 95 9.97 12.16 -4.83
CA PRO A 95 8.70 12.38 -5.53
C PRO A 95 7.53 11.69 -4.80
N THR A 96 6.36 12.32 -4.91
CA THR A 96 5.17 11.79 -4.28
C THR A 96 4.40 10.95 -5.27
N LEU A 97 3.48 10.12 -4.76
CA LEU A 97 2.65 9.27 -5.60
C LEU A 97 1.23 9.82 -5.70
N LYS A 98 0.82 10.16 -6.93
CA LYS A 98 -0.50 10.69 -7.16
C LYS A 98 -1.52 9.60 -6.88
N ILE A 99 -2.70 9.93 -6.36
CA ILE A 99 -3.70 8.90 -6.13
C ILE A 99 -4.84 8.99 -7.16
N ALA A 100 -5.49 7.87 -7.44
CA ALA A 100 -6.60 7.82 -8.40
C ALA A 100 -7.85 8.47 -7.79
N THR A 101 -8.44 9.42 -8.53
CA THR A 101 -9.63 10.14 -8.04
C THR A 101 -10.89 9.68 -8.77
N THR A 102 -10.70 8.82 -9.77
CA THR A 102 -11.78 8.22 -10.54
C THR A 102 -11.49 6.74 -10.65
N THR A 103 -12.44 6.01 -11.18
CA THR A 103 -12.30 4.56 -11.34
C THR A 103 -11.63 4.18 -12.68
N ALA A 104 -11.22 5.19 -13.44
CA ALA A 104 -10.65 4.96 -14.78
C ALA A 104 -9.47 3.98 -14.86
N TYR A 105 -8.71 3.90 -13.77
CA TYR A 105 -7.54 3.05 -13.75
C TYR A 105 -7.71 1.79 -12.91
N ASN A 106 -8.94 1.48 -12.48
CA ASN A 106 -9.17 0.25 -11.72
C ASN A 106 -9.30 -0.91 -12.69
N GLN A 107 -8.21 -1.16 -13.41
CA GLN A 107 -8.17 -2.17 -14.47
C GLN A 107 -6.76 -2.27 -14.99
N GLY A 108 -6.45 -3.39 -15.62
CA GLY A 108 -5.16 -3.59 -16.22
C GLY A 108 -4.22 -4.33 -15.29
N THR A 109 -2.93 -4.17 -15.54
CA THR A 109 -1.90 -4.83 -14.78
C THR A 109 -1.32 -3.84 -13.82
N PHE A 110 -1.36 -4.20 -12.54
CA PHE A 110 -0.88 -3.29 -11.51
C PHE A 110 0.52 -3.66 -11.10
N THR A 111 1.14 -2.75 -10.36
CA THR A 111 2.45 -2.99 -9.82
C THR A 111 2.30 -2.90 -8.28
N VAL A 112 2.97 -3.81 -7.58
CA VAL A 112 2.97 -3.77 -6.12
C VAL A 112 4.44 -3.79 -5.70
N ALA A 113 4.68 -3.33 -4.47
CA ALA A 113 6.07 -3.27 -3.97
C ALA A 113 6.07 -3.26 -2.45
N GLY A 114 7.11 -3.86 -1.87
CA GLY A 114 7.16 -3.84 -0.42
C GLY A 114 8.34 -4.66 0.09
N TRP A 115 8.51 -4.61 1.40
CA TRP A 115 9.58 -5.35 2.09
C TRP A 115 9.03 -6.54 2.87
N GLY A 116 7.80 -6.93 2.54
CA GLY A 116 7.15 -8.06 3.16
C GLY A 116 7.76 -9.41 2.76
N ALA A 117 7.16 -10.48 3.29
CA ALA A 117 7.67 -11.81 3.04
C ALA A 117 7.63 -12.18 1.57
N ASN A 118 8.65 -12.93 1.13
CA ASN A 118 8.63 -13.35 -0.27
C ASN A 118 8.19 -14.81 -0.43
N ARG A 119 7.66 -15.38 0.65
CA ARG A 119 7.08 -16.74 0.68
C ARG A 119 6.14 -16.72 1.89
N GLU A 120 5.00 -17.39 1.75
CA GLU A 120 4.06 -17.41 2.85
C GLU A 120 4.75 -17.90 4.10
N GLY A 121 4.56 -17.16 5.21
CA GLY A 121 5.18 -17.51 6.47
C GLY A 121 6.63 -17.06 6.62
N GLY A 122 7.19 -16.45 5.56
CA GLY A 122 8.59 -16.07 5.60
C GLY A 122 8.99 -14.79 6.31
N SER A 123 10.29 -14.48 6.32
CA SER A 123 10.77 -13.28 7.00
C SER A 123 10.58 -12.02 6.17
N GLN A 124 10.69 -10.86 6.79
CA GLN A 124 10.60 -9.60 6.03
C GLN A 124 11.88 -9.48 5.20
N GLN A 125 11.92 -8.54 4.28
CA GLN A 125 13.07 -8.37 3.38
C GLN A 125 13.95 -7.13 3.60
N ARG A 126 15.23 -7.27 3.27
CA ARG A 126 16.16 -6.17 3.38
C ARG A 126 15.98 -5.23 2.18
N TYR A 127 15.73 -5.83 1.02
CA TYR A 127 15.60 -5.08 -0.24
C TYR A 127 14.18 -5.02 -0.77
N LEU A 128 13.76 -3.84 -1.25
CA LEU A 128 12.41 -3.70 -1.81
C LEU A 128 12.20 -4.62 -2.98
N LEU A 129 11.08 -5.36 -2.96
CA LEU A 129 10.74 -6.27 -4.06
C LEU A 129 9.51 -5.67 -4.77
N LYS A 130 9.38 -5.91 -6.07
CA LYS A 130 8.25 -5.43 -6.85
C LYS A 130 7.69 -6.60 -7.64
N ALA A 131 6.41 -6.51 -8.01
CA ALA A 131 5.79 -7.54 -8.84
C ALA A 131 4.62 -6.93 -9.57
N ASN A 132 4.13 -7.69 -10.55
CA ASN A 132 2.97 -7.25 -11.34
C ASN A 132 1.84 -8.22 -11.14
N VAL A 133 0.67 -7.68 -10.83
CA VAL A 133 -0.51 -8.55 -10.63
C VAL A 133 -1.67 -7.94 -11.40
N PRO A 134 -2.51 -8.80 -11.97
CA PRO A 134 -3.63 -8.30 -12.75
C PRO A 134 -4.86 -7.97 -11.97
N PHE A 135 -5.59 -6.97 -12.47
CA PHE A 135 -6.85 -6.62 -11.84
C PHE A 135 -7.78 -7.86 -11.86
N VAL A 136 -8.52 -8.03 -10.76
CA VAL A 136 -9.49 -9.11 -10.62
C VAL A 136 -10.85 -8.47 -10.26
N SER A 137 -11.91 -8.84 -11.01
CA SER A 137 -13.23 -8.27 -10.72
C SER A 137 -13.71 -8.54 -9.31
N ASP A 138 -14.61 -7.69 -8.81
CA ASP A 138 -15.19 -7.91 -7.52
C ASP A 138 -15.93 -9.26 -7.49
N ALA A 139 -16.52 -9.67 -8.63
CA ALA A 139 -17.24 -10.95 -8.66
C ALA A 139 -16.31 -12.13 -8.50
N ALA A 140 -15.18 -12.09 -9.21
CA ALA A 140 -14.21 -13.16 -9.07
C ALA A 140 -13.69 -13.17 -7.66
N CYS A 141 -13.49 -11.96 -7.10
CA CYS A 141 -12.98 -11.84 -5.75
C CYS A 141 -14.02 -12.32 -4.73
N ARG A 142 -15.28 -12.11 -5.06
CA ARG A 142 -16.33 -12.55 -4.14
C ARG A 142 -16.43 -14.07 -4.17
N SER A 143 -16.15 -14.68 -5.31
CA SER A 143 -16.23 -16.14 -5.34
C SER A 143 -15.07 -16.68 -4.47
N ALA A 144 -13.99 -15.92 -4.37
CA ALA A 144 -12.88 -16.36 -3.53
C ALA A 144 -13.13 -16.06 -2.06
N TYR A 145 -13.78 -14.93 -1.76
CA TYR A 145 -13.94 -14.53 -0.38
C TYR A 145 -15.32 -14.35 0.23
N GLY A 146 -16.36 -14.49 -0.59
CA GLY A 146 -17.73 -14.38 -0.11
C GLY A 146 -18.06 -13.05 0.54
N ASN A 147 -18.78 -13.10 1.66
CA ASN A 147 -19.23 -11.89 2.34
C ASN A 147 -18.13 -11.06 2.97
N GLU A 148 -16.91 -11.57 2.97
CA GLU A 148 -15.79 -10.85 3.55
C GLU A 148 -15.43 -9.62 2.73
N LEU A 149 -15.66 -9.71 1.43
CA LEU A 149 -15.33 -8.59 0.52
C LEU A 149 -16.33 -7.45 0.65
N VAL A 150 -15.82 -6.22 0.74
CA VAL A 150 -16.64 -5.02 0.79
C VAL A 150 -16.39 -4.48 -0.62
N ALA A 151 -17.26 -4.88 -1.57
CA ALA A 151 -16.98 -4.57 -2.96
C ALA A 151 -16.70 -3.14 -3.36
N ASN A 152 -17.50 -2.19 -2.91
CA ASN A 152 -17.23 -0.82 -3.32
C ASN A 152 -16.05 -0.14 -2.63
N GLU A 153 -15.38 -0.85 -1.72
CA GLU A 153 -14.25 -0.28 -0.98
C GLU A 153 -12.97 -1.10 -1.11
N GLU A 154 -13.03 -2.19 -1.88
CA GLU A 154 -11.88 -3.07 -2.06
C GLU A 154 -11.72 -3.45 -3.49
N ILE A 155 -10.47 -3.46 -3.94
CA ILE A 155 -10.15 -3.85 -5.30
C ILE A 155 -9.19 -5.06 -5.19
N CYS A 156 -9.41 -6.08 -6.01
CA CYS A 156 -8.58 -7.28 -5.92
C CYS A 156 -7.61 -7.40 -7.07
N ALA A 157 -6.56 -8.18 -6.84
CA ALA A 157 -5.54 -8.42 -7.88
C ALA A 157 -4.74 -9.68 -7.58
N GLY A 158 -4.29 -10.35 -8.63
CA GLY A 158 -3.50 -11.57 -8.45
C GLY A 158 -3.97 -12.59 -9.46
N TYR A 159 -3.27 -13.70 -9.54
CA TYR A 159 -3.60 -14.74 -10.52
C TYR A 159 -4.46 -15.82 -9.93
N ASP A 160 -5.45 -16.30 -10.69
CA ASP A 160 -6.27 -17.37 -10.18
C ASP A 160 -5.42 -18.61 -9.87
N THR A 161 -4.33 -18.83 -10.62
CA THR A 161 -3.52 -19.99 -10.35
C THR A 161 -2.40 -19.73 -9.36
N GLY A 162 -2.44 -18.55 -8.73
CA GLY A 162 -1.46 -18.18 -7.74
C GLY A 162 -0.06 -17.87 -8.25
N GLY A 163 0.86 -17.72 -7.30
CA GLY A 163 2.24 -17.45 -7.66
C GLY A 163 2.84 -16.07 -7.47
N VAL A 164 2.03 -15.01 -7.55
CA VAL A 164 2.54 -13.65 -7.42
C VAL A 164 1.56 -12.91 -6.54
N ASP A 165 2.04 -12.24 -5.49
CA ASP A 165 1.10 -11.57 -4.58
C ASP A 165 1.87 -10.75 -3.58
N THR A 166 1.15 -9.92 -2.82
CA THR A 166 1.78 -9.22 -1.70
C THR A 166 1.66 -10.22 -0.53
N CYS A 167 2.35 -9.97 0.56
CA CYS A 167 2.34 -10.91 1.65
C CYS A 167 2.56 -10.15 2.95
N GLN A 168 2.64 -10.87 4.06
CA GLN A 168 2.81 -10.21 5.35
C GLN A 168 3.97 -9.23 5.36
N GLY A 169 3.68 -8.01 5.83
CA GLY A 169 4.71 -7.01 5.83
C GLY A 169 4.59 -6.04 4.66
N ASP A 170 3.75 -6.38 3.69
CA ASP A 170 3.56 -5.48 2.53
C ASP A 170 2.37 -4.58 2.78
N SER A 171 1.58 -4.91 3.78
CA SER A 171 0.39 -4.13 4.16
C SER A 171 0.66 -2.65 4.19
N GLY A 172 -0.29 -1.88 3.67
CA GLY A 172 -0.13 -0.42 3.70
C GLY A 172 0.56 0.14 2.46
N GLY A 173 1.35 -0.69 1.77
CA GLY A 173 2.03 -0.22 0.57
C GLY A 173 1.04 0.11 -0.56
N PRO A 174 1.50 0.87 -1.55
CA PRO A 174 0.63 1.24 -2.67
C PRO A 174 0.62 0.20 -3.78
N MET A 175 -0.57 0.06 -4.42
CA MET A 175 -0.72 -0.77 -5.66
C MET A 175 -0.98 0.35 -6.70
N PHE A 176 -0.20 0.37 -7.79
CA PHE A 176 -0.28 1.49 -8.72
C PHE A 176 -0.04 1.02 -10.16
N ARG A 177 -0.30 1.93 -11.10
CA ARG A 177 -0.06 1.62 -12.51
C ARG A 177 0.09 2.98 -13.19
N LYS A 178 0.42 2.97 -14.47
CA LYS A 178 0.57 4.24 -15.17
C LYS A 178 -0.76 4.87 -15.58
N ASP A 179 -0.81 6.21 -15.66
CA ASP A 179 -2.03 6.84 -16.19
C ASP A 179 -1.72 7.24 -17.63
N ASN A 180 -2.65 7.93 -18.27
CA ASN A 180 -2.44 8.34 -19.66
C ASN A 180 -1.20 9.19 -19.87
N ALA A 181 -0.82 9.96 -18.85
CA ALA A 181 0.28 10.87 -18.91
C ALA A 181 1.63 10.29 -18.52
N ASP A 182 1.66 8.97 -18.41
CA ASP A 182 2.85 8.25 -18.06
C ASP A 182 3.34 8.51 -16.66
N GLU A 183 2.42 8.79 -15.75
CA GLU A 183 2.76 9.01 -14.35
C GLU A 183 2.21 7.82 -13.58
N TRP A 184 2.93 7.36 -12.54
CA TRP A 184 2.35 6.31 -11.70
C TRP A 184 1.15 6.91 -10.99
N ILE A 185 0.08 6.12 -10.80
CA ILE A 185 -1.09 6.58 -10.07
C ILE A 185 -1.50 5.44 -9.14
N GLN A 186 -1.84 5.79 -7.89
CA GLN A 186 -2.21 4.80 -6.89
C GLN A 186 -3.68 4.39 -6.92
N VAL A 187 -3.92 3.10 -7.16
CA VAL A 187 -5.26 2.55 -7.17
C VAL A 187 -5.62 1.71 -5.96
N GLY A 188 -4.63 1.28 -5.20
CA GLY A 188 -4.94 0.46 -4.03
C GLY A 188 -3.92 0.59 -2.92
N ILE A 189 -4.33 0.08 -1.75
CA ILE A 189 -3.46 0.02 -0.59
C ILE A 189 -3.49 -1.46 -0.18
N VAL A 190 -2.32 -2.08 -0.02
CA VAL A 190 -2.29 -3.51 0.39
C VAL A 190 -3.10 -3.67 1.69
N SER A 191 -4.18 -4.46 1.64
CA SER A 191 -5.06 -4.59 2.79
C SER A 191 -5.11 -6.00 3.44
N TRP A 192 -5.45 -7.04 2.68
CA TRP A 192 -5.46 -8.40 3.25
C TRP A 192 -5.54 -9.46 2.17
N GLY A 193 -5.47 -10.72 2.59
CA GLY A 193 -5.58 -11.82 1.65
C GLY A 193 -5.59 -13.10 2.47
N GLU A 194 -5.73 -14.25 1.84
CA GLU A 194 -5.71 -15.52 2.56
C GLU A 194 -4.38 -16.16 2.18
N GLY A 195 -3.46 -16.25 3.13
CA GLY A 195 -2.15 -16.80 2.81
C GLY A 195 -1.50 -15.83 1.82
N CYS A 196 -0.57 -16.31 1.01
CA CYS A 196 0.09 -15.45 0.03
C CYS A 196 0.33 -16.26 -1.26
N ALA A 197 -0.02 -15.65 -2.38
CA ALA A 197 0.16 -16.26 -3.71
C ALA A 197 -0.51 -17.63 -3.87
N ARG A 198 -1.53 -17.90 -3.07
CA ARG A 198 -2.23 -19.20 -3.18
C ARG A 198 -3.18 -19.25 -4.36
N LYS A 199 -3.43 -20.46 -4.86
CA LYS A 199 -4.36 -20.55 -5.98
C LYS A 199 -5.75 -20.10 -5.48
N GLY A 200 -6.46 -19.32 -6.31
CA GLY A 200 -7.79 -18.87 -5.99
C GLY A 200 -7.95 -17.86 -4.87
N LYS A 201 -6.85 -17.38 -4.30
CA LYS A 201 -6.93 -16.43 -3.16
C LYS A 201 -6.20 -15.13 -3.46
N TYR A 202 -6.90 -14.24 -4.14
CA TYR A 202 -6.33 -12.98 -4.56
C TYR A 202 -5.92 -12.07 -3.40
N GLY A 203 -5.10 -11.08 -3.74
CA GLY A 203 -4.73 -10.07 -2.77
C GLY A 203 -5.86 -9.06 -2.79
N VAL A 204 -6.21 -8.53 -1.61
CA VAL A 204 -7.28 -7.54 -1.55
C VAL A 204 -6.64 -6.21 -1.13
N TYR A 205 -7.04 -5.14 -1.83
CA TYR A 205 -6.51 -3.83 -1.61
C TYR A 205 -7.61 -2.79 -1.40
N THR A 206 -7.32 -1.79 -0.59
CA THR A 206 -8.28 -0.69 -0.39
C THR A 206 -8.47 -0.01 -1.76
N GLU A 207 -9.73 0.18 -2.17
CA GLU A 207 -10.03 0.83 -3.46
C GLU A 207 -9.87 2.32 -3.30
N VAL A 208 -8.70 2.82 -3.67
CA VAL A 208 -8.38 4.19 -3.47
C VAL A 208 -9.35 5.19 -4.11
N SER A 209 -9.87 4.88 -5.27
CA SER A 209 -10.78 5.81 -5.95
C SER A 209 -12.00 6.11 -5.06
N THR A 210 -12.43 5.10 -4.31
CA THR A 210 -13.59 5.31 -3.44
C THR A 210 -13.29 6.29 -2.33
N PHE A 211 -12.03 6.32 -1.90
CA PHE A 211 -11.64 7.16 -0.77
C PHE A 211 -10.83 8.36 -1.10
N ALA A 212 -10.57 8.59 -2.39
CA ALA A 212 -9.74 9.74 -2.70
C ALA A 212 -10.17 11.12 -2.16
N SER A 213 -11.45 11.48 -2.22
CA SER A 213 -11.76 12.81 -1.72
C SER A 213 -11.62 12.84 -0.21
N ALA A 214 -11.90 11.73 0.45
CA ALA A 214 -11.77 11.70 1.91
C ALA A 214 -10.31 11.74 2.34
N ILE A 215 -9.43 11.10 1.56
CA ILE A 215 -8.02 11.10 1.90
C ILE A 215 -7.46 12.51 1.72
N ALA A 216 -7.85 13.18 0.62
CA ALA A 216 -7.40 14.55 0.38
C ALA A 216 -7.93 15.49 1.45
N SER A 217 -9.17 15.27 1.85
CA SER A 217 -9.79 16.10 2.89
C SER A 217 -9.01 15.95 4.18
N ALA A 218 -8.73 14.71 4.54
CA ALA A 218 -7.96 14.41 5.75
C ALA A 218 -6.55 15.02 5.68
N ALA A 219 -5.93 14.95 4.51
CA ALA A 219 -4.59 15.48 4.34
C ALA A 219 -4.48 16.98 4.49
N ARG A 220 -5.52 17.71 4.09
CA ARG A 220 -5.43 19.17 4.23
C ARG A 220 -5.58 19.62 5.64
N THR A 221 -6.12 18.76 6.49
CA THR A 221 -6.36 19.19 7.85
C THR A 221 -5.42 18.51 8.83
N LEU A 222 -4.70 17.53 8.32
CA LEU A 222 -3.79 16.72 9.10
C LEU A 222 -2.76 17.53 9.87
CA CA B . -14.25 -3.05 -5.93
S SO4 C . 0.04 -7.87 7.57
O1 SO4 C . -0.72 -9.03 7.07
O2 SO4 C . 0.81 -7.25 6.45
O3 SO4 C . -0.89 -6.85 8.13
O4 SO4 C . 1.03 -8.28 8.58
#